data_3FQG
#
_entry.id   3FQG
#
_cell.length_a   101.597
_cell.length_b   60.790
_cell.length_c   73.124
_cell.angle_alpha   90.000
_cell.angle_beta   103.010
_cell.angle_gamma   90.000
#
_symmetry.space_group_name_H-M   'C 1 2 1'
#
loop_
_entity.id
_entity.type
_entity.pdbx_description
1 polymer 'Protein din1'
2 non-polymer 'MAGNESIUM ION'
3 water water
#
_entity_poly.entity_id   1
_entity_poly.type   'polypeptide(L)'
_entity_poly.pdbx_seq_one_letter_code
;MLREFSFYDVPPAHVPPVSEPLEIACYSLSRDRELLLDDSKLSYYYPPPLFSDLNTGFPNRFHPPKSDPDPISIVKDVLM
TKGIQMNSSFLTWRGLITKIMCAPLDPRNHWETYLVMDPTSGIIMMEERTRSETSYANQDRMCYWGYKFEAISTLPEIWD
ACSRDQIEQRDNQDVVPDEQYCSIVKINIGKSKLILAGEVDCIWDKKPCSAKESDVHSDDGTIEEDASNAENPNLHYVEL
KTSKKYPLENYGMRKKLLKYWAQSFLLGIGRIIIGFRDDNGILIEMKELFTHQIPKMLRPYFKPNDWTPNRLLVVLEHAL
EWIKQTVKQHPPSTEFTLSYTGGSKLVLRQIILEHHHHHH
;
_entity_poly.pdbx_strand_id   A
#
loop_
_chem_comp.id
_chem_comp.type
_chem_comp.name
_chem_comp.formula
MG non-polymer 'MAGNESIUM ION' 'Mg 2'
#
# COMPACT_ATOMS: atom_id res chain seq x y z
N MET A 1 1.62 -11.74 -27.36
CA MET A 1 2.16 -12.92 -26.61
C MET A 1 1.81 -12.97 -25.12
N LEU A 2 1.86 -14.19 -24.58
CA LEU A 2 1.48 -14.50 -23.21
C LEU A 2 2.68 -15.07 -22.45
N ARG A 3 2.90 -14.58 -21.24
CA ARG A 3 3.90 -15.12 -20.35
C ARG A 3 3.24 -15.43 -19.01
N GLU A 4 3.68 -16.52 -18.40
CA GLU A 4 3.18 -16.94 -17.10
C GLU A 4 4.29 -17.02 -16.06
N PHE A 5 3.92 -16.68 -14.83
CA PHE A 5 4.79 -16.80 -13.67
C PHE A 5 4.03 -17.56 -12.59
N SER A 6 4.57 -18.71 -12.19
CA SER A 6 3.94 -19.57 -11.19
C SER A 6 4.58 -19.34 -9.82
N PHE A 7 3.76 -19.08 -8.81
CA PHE A 7 4.25 -18.84 -7.45
C PHE A 7 5.01 -20.04 -6.88
N TYR A 8 4.53 -21.25 -7.17
CA TYR A 8 5.07 -22.47 -6.57
C TYR A 8 6.31 -23.02 -7.28
N ASP A 9 6.61 -22.50 -8.48
CA ASP A 9 7.81 -22.87 -9.25
C ASP A 9 9.05 -22.07 -8.87
N VAL A 10 8.88 -21.06 -8.03
CA VAL A 10 10.00 -20.27 -7.51
C VAL A 10 10.91 -21.17 -6.66
N PRO A 11 12.21 -21.21 -7.00
CA PRO A 11 13.18 -22.02 -6.24
C PRO A 11 13.34 -21.55 -4.79
N PRO A 12 13.66 -22.46 -3.87
CA PRO A 12 13.80 -22.11 -2.45
C PRO A 12 15.09 -21.34 -2.18
N ALA A 13 14.98 -20.01 -2.18
CA ALA A 13 16.13 -19.12 -2.06
C ALA A 13 16.08 -18.29 -0.79
N HIS A 14 17.18 -17.60 -0.48
CA HIS A 14 17.23 -16.72 0.67
C HIS A 14 16.35 -15.50 0.41
N VAL A 15 15.82 -14.92 1.49
CA VAL A 15 15.04 -13.68 1.40
C VAL A 15 15.93 -12.60 0.79
N PRO A 16 15.44 -11.89 -0.23
CA PRO A 16 16.21 -10.82 -0.85
C PRO A 16 16.49 -9.71 0.16
N PRO A 17 17.60 -9.00 -0.01
CA PRO A 17 17.85 -7.79 0.75
C PRO A 17 16.85 -6.71 0.34
N VAL A 18 16.25 -6.05 1.33
CA VAL A 18 15.33 -4.94 1.04
C VAL A 18 15.87 -3.70 1.75
N SER A 19 16.05 -2.63 0.99
CA SER A 19 16.56 -1.39 1.57
C SER A 19 15.49 -0.72 2.46
N GLU A 20 15.93 0.16 3.34
CA GLU A 20 15.03 1.04 4.10
C GLU A 20 14.37 1.98 3.10
N PRO A 21 13.03 1.99 3.02
CA PRO A 21 12.35 2.88 2.08
C PRO A 21 12.63 4.35 2.39
N LEU A 22 13.14 5.07 1.40
CA LEU A 22 13.54 6.45 1.58
C LEU A 22 12.59 7.39 0.88
N GLU A 23 11.98 8.29 1.66
CA GLU A 23 11.09 9.31 1.08
C GLU A 23 11.90 10.28 0.23
N ILE A 24 11.44 10.48 -1.00
CA ILE A 24 12.11 11.41 -1.93
C ILE A 24 11.21 12.61 -2.21
N ALA A 25 9.93 12.47 -1.89
CA ALA A 25 8.95 13.54 -2.07
C ALA A 25 7.67 13.18 -1.35
N CYS A 26 6.85 14.19 -1.11
CA CYS A 26 5.52 13.98 -0.57
C CYS A 26 4.59 15.01 -1.19
N TYR A 27 3.29 14.81 -1.03
CA TYR A 27 2.30 15.77 -1.49
C TYR A 27 0.98 15.52 -0.79
N SER A 28 0.07 16.48 -0.94
CA SER A 28 -1.23 16.39 -0.32
C SER A 28 -2.29 16.44 -1.41
N LEU A 29 -3.48 15.92 -1.09
CA LEU A 29 -4.68 16.09 -1.92
C LEU A 29 -5.76 16.80 -1.11
N SER A 30 -6.44 17.76 -1.74
CA SER A 30 -7.53 18.48 -1.09
C SER A 30 -8.79 17.60 -1.06
N ARG A 31 -9.85 18.11 -0.44
CA ARG A 31 -11.12 17.38 -0.43
C ARG A 31 -11.74 17.24 -1.83
N ASP A 32 -11.39 18.13 -2.74
CA ASP A 32 -11.78 17.92 -4.14
C ASP A 32 -10.76 17.15 -4.98
N ARG A 33 -9.85 16.42 -4.31
CA ARG A 33 -8.82 15.61 -4.97
C ARG A 33 -7.76 16.43 -5.72
N GLU A 34 -7.63 17.70 -5.35
CA GLU A 34 -6.67 18.64 -5.94
C GLU A 34 -5.27 18.39 -5.42
N LEU A 35 -4.30 18.19 -6.31
CA LEU A 35 -2.94 18.01 -5.84
C LEU A 35 -2.36 19.29 -5.25
N LEU A 36 -1.78 19.16 -4.05
CA LEU A 36 -1.10 20.27 -3.39
C LEU A 36 0.33 19.86 -3.05
N LEU A 37 1.29 20.65 -3.51
CA LEU A 37 2.70 20.36 -3.28
C LEU A 37 3.17 20.93 -1.95
N ASP A 38 2.66 20.33 -0.87
CA ASP A 38 3.02 20.67 0.51
C ASP A 38 2.52 19.54 1.40
N ASP A 39 2.79 19.61 2.72
CA ASP A 39 2.19 18.65 3.67
C ASP A 39 1.05 19.25 4.42
N SER A 40 0.29 20.14 3.79
CA SER A 40 -0.84 20.74 4.49
C SER A 40 -1.77 19.65 5.06
N LYS A 41 -1.82 18.49 4.41
CA LYS A 41 -2.75 17.44 4.82
C LYS A 41 -2.15 16.31 5.66
N LEU A 42 -0.89 16.41 6.05
CA LEU A 42 -0.34 15.44 7.00
C LEU A 42 -0.96 15.73 8.37
N SER A 43 -1.55 14.71 8.97
CA SER A 43 -2.17 14.84 10.27
C SER A 43 -1.42 13.99 11.31
N TYR A 44 -1.79 14.17 12.57
CA TYR A 44 -1.13 13.52 13.70
C TYR A 44 -2.04 12.52 14.33
N TYR A 45 -1.47 11.39 14.70
CA TYR A 45 -2.18 10.40 15.48
C TYR A 45 -2.46 10.91 16.89
N TYR A 46 -3.73 10.82 17.31
CA TYR A 46 -4.09 11.00 18.71
C TYR A 46 -5.18 9.97 19.02
N PRO A 47 -4.99 9.14 20.04
CA PRO A 47 -5.92 8.05 20.30
C PRO A 47 -7.35 8.56 20.53
N PRO A 48 -8.32 8.03 19.76
CA PRO A 48 -9.73 8.41 19.90
C PRO A 48 -10.33 7.82 21.17
N PRO A 49 -11.44 8.37 21.66
CA PRO A 49 -12.11 7.81 22.84
C PRO A 49 -12.51 6.36 22.62
N LEU A 50 -12.25 5.49 23.60
CA LEU A 50 -12.80 4.14 23.54
C LEU A 50 -14.33 4.21 23.49
N PHE A 51 -14.94 3.24 22.81
CA PHE A 51 -16.38 3.20 22.57
C PHE A 51 -16.94 4.29 21.65
N SER A 52 -16.06 4.96 20.88
CA SER A 52 -16.51 5.78 19.76
C SER A 52 -17.37 4.93 18.84
N ASP A 53 -18.46 5.51 18.34
CA ASP A 53 -19.33 4.84 17.40
C ASP A 53 -18.87 5.16 15.97
N LEU A 54 -18.37 4.17 15.26
CA LEU A 54 -17.87 4.41 13.89
C LEU A 54 -19.00 4.60 12.84
N ASN A 55 -20.24 4.47 13.27
CA ASN A 55 -21.40 4.77 12.40
C ASN A 55 -21.75 6.26 12.36
N THR A 56 -21.25 7.03 13.31
CA THR A 56 -21.64 8.43 13.44
C THR A 56 -21.27 9.16 12.15
N GLY A 57 -22.28 9.78 11.55
CA GLY A 57 -22.11 10.58 10.34
C GLY A 57 -22.41 9.85 9.03
N PHE A 58 -22.58 8.53 9.10
CA PHE A 58 -22.94 7.77 7.92
C PHE A 58 -24.45 7.81 7.66
N PRO A 59 -24.88 8.10 6.44
CA PRO A 59 -24.00 8.50 5.35
C PRO A 59 -23.97 10.00 5.05
N ASN A 60 -24.68 10.82 5.83
CA ASN A 60 -24.84 12.24 5.51
C ASN A 60 -23.59 13.12 5.63
N ARG A 61 -22.67 12.76 6.51
CA ARG A 61 -21.39 13.46 6.60
C ARG A 61 -20.26 12.73 5.84
N PHE A 62 -20.65 11.76 5.02
CA PHE A 62 -19.72 10.93 4.27
C PHE A 62 -19.64 11.42 2.83
N HIS A 63 -18.43 11.74 2.39
CA HIS A 63 -18.17 12.09 1.00
C HIS A 63 -17.29 11.01 0.40
N PRO A 64 -17.92 10.03 -0.25
CA PRO A 64 -17.20 8.86 -0.76
C PRO A 64 -16.07 9.30 -1.68
N PRO A 65 -14.92 8.64 -1.60
CA PRO A 65 -13.77 9.00 -2.42
C PRO A 65 -13.94 8.56 -3.86
N LYS A 66 -13.17 9.19 -4.75
CA LYS A 66 -13.11 8.87 -6.16
C LYS A 66 -12.93 7.37 -6.41
N SER A 67 -13.80 6.80 -7.24
CA SER A 67 -13.81 5.36 -7.53
C SER A 67 -12.74 4.95 -8.56
N ASP A 68 -12.56 5.77 -9.60
CA ASP A 68 -11.59 5.49 -10.67
C ASP A 68 -10.14 5.55 -10.17
N PRO A 69 -9.27 4.67 -10.68
CA PRO A 69 -7.86 4.70 -10.29
C PRO A 69 -7.14 5.94 -10.81
N ASP A 70 -6.12 6.40 -10.09
CA ASP A 70 -5.32 7.53 -10.55
C ASP A 70 -4.23 7.06 -11.51
N PRO A 71 -3.97 7.83 -12.56
CA PRO A 71 -2.87 7.51 -13.47
C PRO A 71 -1.54 7.70 -12.74
N ILE A 72 -0.57 6.84 -13.02
CA ILE A 72 0.74 6.96 -12.38
C ILE A 72 1.52 8.18 -12.88
N SER A 73 1.07 8.75 -13.99
CA SER A 73 1.65 9.97 -14.54
C SER A 73 1.71 11.07 -13.48
N ILE A 74 0.77 11.03 -12.54
CA ILE A 74 0.74 11.99 -11.44
C ILE A 74 2.03 12.00 -10.62
N VAL A 75 2.51 10.83 -10.25
CA VAL A 75 3.70 10.74 -9.43
C VAL A 75 4.90 11.24 -10.24
N LYS A 76 4.94 10.86 -11.52
CA LYS A 76 5.97 11.36 -12.43
C LYS A 76 5.93 12.90 -12.52
N ASP A 77 4.73 13.46 -12.72
CA ASP A 77 4.53 14.91 -12.75
C ASP A 77 5.09 15.54 -11.47
N VAL A 78 4.71 14.98 -10.32
CA VAL A 78 5.15 15.51 -9.01
C VAL A 78 6.67 15.54 -8.92
N LEU A 79 7.31 14.43 -9.24
CA LEU A 79 8.76 14.36 -9.18
C LEU A 79 9.41 15.32 -10.19
N MET A 80 8.86 15.38 -11.41
CA MET A 80 9.34 16.35 -12.41
C MET A 80 9.20 17.80 -11.95
N THR A 81 8.05 18.15 -11.37
CA THR A 81 7.81 19.51 -10.88
C THR A 81 8.85 19.89 -9.83
N LYS A 82 9.19 18.92 -8.98
CA LYS A 82 10.17 19.11 -7.91
C LYS A 82 11.63 18.93 -8.35
N GLY A 83 11.81 18.48 -9.59
CA GLY A 83 13.14 18.32 -10.17
C GLY A 83 13.89 17.14 -9.59
N ILE A 84 13.14 16.11 -9.23
CA ILE A 84 13.70 14.91 -8.62
C ILE A 84 13.93 13.85 -9.69
N GLN A 85 15.16 13.33 -9.74
CA GLN A 85 15.55 12.35 -10.73
C GLN A 85 14.95 10.98 -10.43
N MET A 86 14.55 10.29 -11.48
CA MET A 86 13.94 8.97 -11.38
C MET A 86 14.82 7.95 -12.11
N ASN A 87 15.47 7.08 -11.33
CA ASN A 87 16.51 6.17 -11.85
C ASN A 87 16.24 4.69 -11.56
N SER A 88 14.97 4.34 -11.41
CA SER A 88 14.60 3.02 -10.91
C SER A 88 14.16 2.07 -12.02
N SER A 89 13.91 0.82 -11.64
CA SER A 89 13.34 -0.19 -12.55
C SER A 89 11.84 0.02 -12.74
N PHE A 90 11.14 0.37 -11.65
CA PHE A 90 9.67 0.49 -11.62
C PHE A 90 9.22 1.82 -11.03
N LEU A 91 8.09 2.31 -11.52
CA LEU A 91 7.39 3.44 -10.88
C LEU A 91 5.95 3.07 -10.79
N THR A 92 5.42 3.01 -9.57
CA THR A 92 4.01 2.71 -9.43
C THR A 92 3.44 3.11 -8.08
N TRP A 93 2.17 2.76 -7.88
CA TRP A 93 1.50 2.98 -6.61
C TRP A 93 1.85 1.78 -5.73
N ARG A 94 2.22 2.07 -4.48
CA ARG A 94 2.51 1.01 -3.51
C ARG A 94 1.49 -0.12 -3.58
N GLY A 95 0.21 0.24 -3.61
CA GLY A 95 -0.90 -0.74 -3.57
C GLY A 95 -0.84 -1.81 -4.65
N LEU A 96 -0.23 -1.47 -5.78
CA LEU A 96 -0.12 -2.40 -6.90
C LEU A 96 1.01 -3.40 -6.68
N ILE A 97 2.04 -3.01 -5.93
CA ILE A 97 3.05 -3.98 -5.51
C ILE A 97 2.50 -4.88 -4.42
N THR A 98 1.71 -4.30 -3.50
CA THR A 98 1.01 -5.11 -2.50
C THR A 98 0.18 -6.24 -3.16
N LYS A 99 -0.55 -5.91 -4.23
CA LYS A 99 -1.31 -6.91 -4.99
C LYS A 99 -0.45 -8.05 -5.53
N ILE A 100 0.72 -7.73 -6.08
CA ILE A 100 1.60 -8.77 -6.63
C ILE A 100 2.13 -9.62 -5.47
N MET A 101 2.58 -8.94 -4.41
CA MET A 101 3.22 -9.57 -3.27
C MET A 101 2.28 -10.50 -2.51
N CYS A 102 1.04 -10.07 -2.38
CA CYS A 102 0.03 -10.80 -1.60
C CYS A 102 -0.89 -11.69 -2.43
N ALA A 103 -0.66 -11.76 -3.75
CA ALA A 103 -1.45 -12.63 -4.62
C ALA A 103 -1.52 -14.09 -4.13
N PRO A 104 -0.40 -14.70 -3.73
CA PRO A 104 -0.42 -16.06 -3.19
C PRO A 104 -1.30 -16.21 -1.94
N LEU A 105 -1.63 -15.10 -1.30
CA LEU A 105 -2.41 -15.05 -0.06
C LEU A 105 -3.92 -14.96 -0.22
N ASP A 106 -4.40 -14.20 -1.20
CA ASP A 106 -5.83 -14.09 -1.47
C ASP A 106 -6.23 -14.39 -2.91
N PRO A 107 -6.47 -15.67 -3.20
CA PRO A 107 -6.87 -16.11 -4.54
C PRO A 107 -8.25 -15.61 -4.99
N ARG A 108 -8.97 -14.93 -4.09
CA ARG A 108 -10.28 -14.38 -4.43
C ARG A 108 -10.21 -12.96 -4.96
N ASN A 109 -9.08 -12.28 -4.67
CA ASN A 109 -8.86 -10.90 -5.12
C ASN A 109 -8.20 -10.88 -6.50
N HIS A 110 -9.04 -10.82 -7.52
CA HIS A 110 -8.55 -10.73 -8.90
C HIS A 110 -8.31 -9.28 -9.25
N TRP A 111 -7.31 -9.05 -10.09
CA TRP A 111 -6.91 -7.70 -10.45
C TRP A 111 -6.15 -7.70 -11.77
N GLU A 112 -6.04 -6.52 -12.35
CA GLU A 112 -5.37 -6.33 -13.62
C GLU A 112 -4.68 -4.98 -13.56
N THR A 113 -3.37 -4.96 -13.83
CA THR A 113 -2.64 -3.71 -13.93
C THR A 113 -2.07 -3.53 -15.33
N TYR A 114 -1.87 -2.27 -15.70
CA TYR A 114 -1.25 -1.92 -16.97
C TYR A 114 0.19 -1.49 -16.74
N LEU A 115 1.08 -1.90 -17.64
CA LEU A 115 2.51 -1.60 -17.55
C LEU A 115 3.03 -1.15 -18.90
N VAL A 116 3.94 -0.18 -18.86
CA VAL A 116 4.61 0.36 -20.05
C VAL A 116 6.00 0.78 -19.65
N MET A 117 6.98 0.49 -20.49
CA MET A 117 8.29 1.07 -20.29
C MET A 117 8.36 2.42 -21.00
N ASP A 118 8.72 3.45 -20.23
CA ASP A 118 8.88 4.79 -20.76
C ASP A 118 10.08 4.87 -21.70
N PRO A 119 9.87 5.37 -22.91
CA PRO A 119 10.93 5.43 -23.93
C PRO A 119 12.10 6.37 -23.62
N THR A 120 11.97 7.22 -22.61
CA THR A 120 13.04 8.16 -22.24
C THR A 120 13.77 7.72 -20.97
N SER A 121 13.01 7.35 -19.94
CA SER A 121 13.58 6.99 -18.65
C SER A 121 13.97 5.52 -18.55
N GLY A 122 13.32 4.65 -19.33
CA GLY A 122 13.54 3.21 -19.23
C GLY A 122 12.89 2.59 -18.00
N ILE A 123 12.06 3.37 -17.30
CA ILE A 123 11.34 2.89 -16.10
C ILE A 123 10.04 2.21 -16.51
N ILE A 124 9.74 1.08 -15.87
CA ILE A 124 8.47 0.40 -16.07
C ILE A 124 7.39 1.04 -15.19
N MET A 125 6.43 1.68 -15.84
CA MET A 125 5.38 2.38 -15.11
C MET A 125 4.10 1.56 -15.06
N MET A 126 3.54 1.43 -13.86
CA MET A 126 2.39 0.56 -13.66
C MET A 126 1.23 1.30 -13.03
N GLU A 127 0.01 1.01 -13.51
CA GLU A 127 -1.18 1.67 -13.04
C GLU A 127 -2.39 0.77 -13.29
N GLU A 128 -3.51 1.14 -12.69
CA GLU A 128 -4.79 0.55 -13.02
C GLU A 128 -5.51 1.48 -13.97
N ARG A 129 -6.38 0.91 -14.79
CA ARG A 129 -7.18 1.71 -15.70
C ARG A 129 -8.67 1.46 -15.55
N THR A 130 -9.06 0.26 -15.14
CA THR A 130 -10.46 -0.03 -14.84
C THR A 130 -10.77 0.25 -13.38
N ASN A 138 -16.66 0.57 -1.73
CA ASN A 138 -16.07 1.90 -1.59
C ASN A 138 -16.85 2.79 -0.63
N GLN A 139 -18.17 2.78 -0.76
CA GLN A 139 -19.01 3.64 0.07
C GLN A 139 -20.00 2.89 0.96
N ASP A 140 -19.78 1.60 1.19
CA ASP A 140 -20.64 0.90 2.13
C ASP A 140 -20.28 1.23 3.60
N ARG A 141 -21.15 0.82 4.52
CA ARG A 141 -21.00 1.14 5.94
C ARG A 141 -19.68 0.60 6.52
N MET A 142 -19.31 -0.62 6.12
CA MET A 142 -18.06 -1.21 6.56
C MET A 142 -16.84 -0.37 6.16
N CYS A 143 -16.83 0.12 4.91
CA CYS A 143 -15.78 1.05 4.44
C CYS A 143 -15.75 2.33 5.23
N TYR A 144 -16.93 2.90 5.47
CA TYR A 144 -17.04 4.08 6.30
C TYR A 144 -16.46 3.88 7.71
N TRP A 145 -16.70 2.72 8.32
CA TRP A 145 -16.12 2.45 9.63
C TRP A 145 -14.61 2.70 9.61
N GLY A 146 -13.96 2.25 8.55
CA GLY A 146 -12.52 2.45 8.36
C GLY A 146 -12.13 3.91 8.19
N TYR A 147 -12.84 4.62 7.31
CA TYR A 147 -12.62 6.06 7.11
C TYR A 147 -12.94 6.87 8.36
N LYS A 148 -13.98 6.47 9.09
CA LYS A 148 -14.37 7.17 10.32
C LYS A 148 -13.32 7.01 11.41
N PHE A 149 -12.76 5.80 11.53
CA PHE A 149 -11.69 5.56 12.47
C PHE A 149 -10.47 6.42 12.16
N GLU A 150 -10.11 6.52 10.88
CA GLU A 150 -9.03 7.38 10.44
C GLU A 150 -9.33 8.84 10.79
N ALA A 151 -10.54 9.30 10.52
CA ALA A 151 -10.95 10.68 10.84
C ALA A 151 -10.89 11.01 12.34
N ILE A 152 -11.42 10.13 13.20
CA ILE A 152 -11.47 10.40 14.64
C ILE A 152 -10.13 10.23 15.34
N SER A 153 -9.22 9.47 14.71
CA SER A 153 -7.91 9.19 15.28
C SER A 153 -6.84 10.20 14.87
N THR A 154 -7.20 11.21 14.10
CA THR A 154 -6.21 12.13 13.54
C THR A 154 -6.51 13.59 13.83
N LEU A 155 -5.44 14.35 14.06
CA LEU A 155 -5.53 15.77 14.33
C LEU A 155 -4.74 16.48 13.24
N PRO A 156 -5.33 17.48 12.61
CA PRO A 156 -4.63 18.21 11.55
C PRO A 156 -3.51 19.06 12.12
N GLU A 157 -2.60 19.51 11.28
CA GLU A 157 -1.64 20.56 11.68
C GLU A 157 -2.46 21.80 11.99
N ILE A 158 -2.23 22.39 13.16
CA ILE A 158 -2.99 23.55 13.65
C ILE A 158 -2.08 24.79 13.83
N TRP A 159 -1.00 24.61 14.59
CA TRP A 159 -0.09 25.71 14.93
C TRP A 159 0.57 26.36 13.72
N ASP A 160 0.96 25.54 12.75
CA ASP A 160 1.62 26.04 11.54
C ASP A 160 0.73 25.97 10.29
N ALA A 161 -0.58 25.90 10.47
CA ALA A 161 -1.50 25.87 9.33
C ALA A 161 -1.79 27.28 8.80
N GLN A 173 -18.21 15.84 12.18
CA GLN A 173 -17.23 16.32 11.20
C GLN A 173 -17.30 15.47 9.92
N ASP A 174 -16.98 16.09 8.79
CA ASP A 174 -17.09 15.43 7.50
C ASP A 174 -15.98 14.44 7.24
N VAL A 175 -16.38 13.25 6.79
CA VAL A 175 -15.45 12.18 6.46
C VAL A 175 -15.22 12.28 4.96
N VAL A 176 -14.03 12.76 4.59
CA VAL A 176 -13.70 13.07 3.19
C VAL A 176 -12.37 12.39 2.84
N PRO A 177 -12.40 11.09 2.53
CA PRO A 177 -11.17 10.33 2.30
C PRO A 177 -10.32 10.80 1.09
N ASP A 178 -10.92 11.58 0.18
CA ASP A 178 -10.17 12.22 -0.92
C ASP A 178 -9.05 13.12 -0.40
N GLU A 179 -9.30 13.81 0.70
CA GLU A 179 -8.32 14.65 1.36
C GLU A 179 -7.31 13.74 2.04
N GLN A 180 -6.04 13.85 1.66
CA GLN A 180 -5.03 12.90 2.14
C GLN A 180 -3.61 13.41 1.94
N TYR A 181 -2.66 12.69 2.51
CA TYR A 181 -1.25 13.00 2.36
C TYR A 181 -0.59 11.76 1.81
N CYS A 182 0.42 11.96 0.97
CA CYS A 182 1.06 10.86 0.25
C CYS A 182 2.58 10.95 0.33
N SER A 183 3.21 9.80 0.47
CA SER A 183 4.66 9.73 0.53
C SER A 183 5.15 9.01 -0.71
N ILE A 184 6.17 9.57 -1.36
CA ILE A 184 6.81 8.88 -2.48
C ILE A 184 8.17 8.40 -2.03
N VAL A 185 8.41 7.12 -2.21
CA VAL A 185 9.55 6.44 -1.63
C VAL A 185 10.39 5.71 -2.70
N LYS A 186 11.69 5.60 -2.44
CA LYS A 186 12.58 4.66 -3.13
C LYS A 186 12.76 3.43 -2.23
N ILE A 187 12.51 2.26 -2.79
CA ILE A 187 12.73 1.01 -2.09
C ILE A 187 13.36 0.01 -3.07
N ASN A 188 14.40 -0.68 -2.62
CA ASN A 188 15.05 -1.72 -3.41
C ASN A 188 14.70 -3.09 -2.85
N ILE A 189 14.20 -3.95 -3.73
CA ILE A 189 13.88 -5.33 -3.37
C ILE A 189 14.78 -6.22 -4.22
N GLY A 190 15.82 -6.74 -3.58
CA GLY A 190 16.87 -7.49 -4.28
C GLY A 190 17.41 -6.64 -5.42
N LYS A 191 17.33 -7.16 -6.63
CA LYS A 191 17.86 -6.47 -7.81
C LYS A 191 16.92 -5.43 -8.42
N SER A 192 15.73 -5.26 -7.85
CA SER A 192 14.77 -4.29 -8.40
C SER A 192 14.69 -2.99 -7.59
N LYS A 193 14.87 -1.88 -8.29
CA LYS A 193 14.68 -0.56 -7.69
C LYS A 193 13.26 -0.06 -8.01
N LEU A 194 12.51 0.29 -6.99
CA LEU A 194 11.14 0.76 -7.18
C LEU A 194 10.97 2.14 -6.60
N ILE A 195 10.16 2.96 -7.27
CA ILE A 195 9.69 4.20 -6.71
C ILE A 195 8.20 3.97 -6.50
N LEU A 196 7.76 4.13 -5.27
CA LEU A 196 6.38 3.81 -4.90
C LEU A 196 5.73 5.01 -4.24
N ALA A 197 4.49 5.30 -4.59
CA ALA A 197 3.75 6.35 -3.91
C ALA A 197 2.58 5.73 -3.17
N GLY A 198 2.34 6.18 -1.94
CA GLY A 198 1.22 5.65 -1.16
C GLY A 198 0.66 6.65 -0.17
N GLU A 199 -0.63 6.52 0.14
CA GLU A 199 -1.27 7.37 1.15
C GLU A 199 -0.71 7.04 2.53
N VAL A 200 -0.40 8.07 3.31
CA VAL A 200 0.03 7.92 4.70
C VAL A 200 -1.08 8.49 5.60
N ASP A 201 -1.65 7.65 6.45
CA ASP A 201 -2.80 8.08 7.26
C ASP A 201 -2.48 9.23 8.18
N CYS A 202 -1.32 9.14 8.85
CA CYS A 202 -0.92 10.14 9.80
C CYS A 202 0.53 9.90 10.22
N ILE A 203 1.03 10.78 11.08
CA ILE A 203 2.36 10.62 11.64
C ILE A 203 2.28 10.55 13.18
N TRP A 204 3.20 9.80 13.78
CA TRP A 204 3.19 9.55 15.21
C TRP A 204 3.51 10.83 16.00
N ASP A 205 4.47 11.60 15.48
CA ASP A 205 4.91 12.85 16.10
C ASP A 205 5.38 13.83 15.01
N LYS A 206 6.17 14.84 15.35
CA LYS A 206 6.57 15.82 14.33
C LYS A 206 7.43 15.19 13.24
N LYS A 207 7.13 15.53 11.99
CA LYS A 207 7.95 15.07 10.88
C LYS A 207 9.35 15.71 11.00
N PRO A 208 10.40 14.88 10.99
CA PRO A 208 11.77 15.40 10.98
C PRO A 208 11.98 16.19 9.69
N CYS A 209 12.09 17.51 9.82
CA CYS A 209 11.92 18.43 8.68
C CYS A 209 13.02 18.37 7.62
N GLU A 231 16.54 13.28 8.68
CA GLU A 231 16.08 11.94 9.07
C GLU A 231 14.92 11.52 8.17
N ASN A 232 14.99 10.30 7.65
CA ASN A 232 13.89 9.72 6.91
C ASN A 232 12.63 9.70 7.79
N PRO A 233 11.51 10.21 7.27
CA PRO A 233 10.30 10.35 8.07
C PRO A 233 9.50 9.05 8.26
N ASN A 234 9.72 8.03 7.44
CA ASN A 234 8.77 6.91 7.29
C ASN A 234 8.47 6.04 8.52
N LEU A 235 9.46 5.82 9.37
CA LEU A 235 9.24 5.06 10.61
C LEU A 235 8.35 5.82 11.60
N HIS A 236 8.17 7.12 11.33
CA HIS A 236 7.32 8.00 12.15
C HIS A 236 5.88 7.91 11.64
N TYR A 237 5.72 7.43 10.41
CA TYR A 237 4.42 7.32 9.78
C TYR A 237 3.61 6.19 10.41
N VAL A 238 2.29 6.32 10.34
CA VAL A 238 1.36 5.40 10.99
C VAL A 238 0.31 4.97 9.96
N GLU A 239 -0.04 3.68 9.97
CA GLU A 239 -1.19 3.22 9.22
C GLU A 239 -2.32 2.84 10.18
N LEU A 240 -3.52 3.34 9.93
CA LEU A 240 -4.68 3.04 10.77
C LEU A 240 -5.58 2.01 10.11
N LYS A 241 -5.95 0.99 10.88
CA LYS A 241 -6.84 -0.08 10.43
C LYS A 241 -7.96 -0.31 11.42
N THR A 242 -9.10 -0.80 10.92
CA THR A 242 -10.21 -1.24 11.78
C THR A 242 -10.51 -2.68 11.45
N SER A 243 -10.78 -3.48 12.47
CA SER A 243 -11.02 -4.90 12.30
C SER A 243 -11.76 -5.46 13.49
N LYS A 244 -12.46 -6.57 13.28
CA LYS A 244 -12.90 -7.35 14.41
C LYS A 244 -11.67 -8.15 14.87
N LYS A 245 -11.55 -8.36 16.17
CA LYS A 245 -10.43 -9.12 16.72
C LYS A 245 -10.72 -10.62 16.73
N TYR A 246 -9.78 -11.39 16.18
CA TYR A 246 -9.80 -12.84 16.27
C TYR A 246 -8.46 -13.28 16.86
N PRO A 247 -8.40 -14.46 17.46
CA PRO A 247 -7.11 -14.99 17.93
C PRO A 247 -6.16 -15.18 16.76
N LEU A 248 -4.86 -15.20 17.03
CA LEU A 248 -3.88 -15.39 15.95
C LEU A 248 -3.88 -16.81 15.44
N GLU A 249 -4.55 -17.70 16.18
CA GLU A 249 -4.82 -19.07 15.73
C GLU A 249 -5.67 -19.08 14.46
N ASN A 250 -6.45 -18.02 14.28
CA ASN A 250 -7.40 -17.90 13.20
C ASN A 250 -6.67 -17.58 11.90
N TYR A 251 -6.79 -18.46 10.91
CA TYR A 251 -6.07 -18.30 9.64
C TYR A 251 -6.42 -16.98 8.94
N GLY A 252 -7.70 -16.62 8.93
CA GLY A 252 -8.18 -15.38 8.31
C GLY A 252 -7.51 -14.18 8.95
N MET A 253 -7.42 -14.19 10.28
CA MET A 253 -6.74 -13.13 11.04
C MET A 253 -5.24 -13.02 10.67
N ARG A 254 -4.54 -14.15 10.60
CA ARG A 254 -3.13 -14.15 10.23
C ARG A 254 -2.88 -13.56 8.85
N LYS A 255 -3.70 -13.96 7.89
CA LYS A 255 -3.65 -13.49 6.51
C LYS A 255 -3.89 -11.98 6.42
N LYS A 256 -4.87 -11.51 7.19
CA LYS A 256 -5.19 -10.09 7.23
C LYS A 256 -4.01 -9.30 7.77
N LEU A 257 -3.41 -9.80 8.85
CA LEU A 257 -2.22 -9.19 9.43
C LEU A 257 -1.02 -9.18 8.48
N LEU A 258 -0.84 -10.28 7.74
CA LEU A 258 0.22 -10.36 6.74
C LEU A 258 0.07 -9.30 5.65
N LYS A 259 -1.16 -9.08 5.20
CA LYS A 259 -1.43 -8.03 4.24
C LYS A 259 -1.26 -6.64 4.83
N TYR A 260 -1.60 -6.49 6.11
CA TYR A 260 -1.35 -5.23 6.82
C TYR A 260 0.16 -4.96 6.82
N TRP A 261 0.93 -5.98 7.19
CA TRP A 261 2.39 -5.91 7.21
C TRP A 261 3.00 -5.57 5.85
N ALA A 262 2.63 -6.32 4.82
CA ALA A 262 3.11 -6.10 3.44
C ALA A 262 2.91 -4.67 2.95
N GLN A 263 1.69 -4.15 3.07
CA GLN A 263 1.39 -2.77 2.67
C GLN A 263 2.32 -1.73 3.33
N SER A 264 2.47 -1.83 4.66
CA SER A 264 3.26 -0.88 5.43
C SER A 264 4.77 -1.10 5.24
N PHE A 265 5.18 -2.36 5.14
CA PHE A 265 6.56 -2.70 4.82
C PHE A 265 7.05 -1.97 3.54
N LEU A 266 6.21 -1.96 2.51
CA LEU A 266 6.62 -1.41 1.21
C LEU A 266 6.82 0.10 1.20
N LEU A 267 6.20 0.80 2.16
CA LEU A 267 6.37 2.26 2.28
C LEU A 267 7.19 2.68 3.50
N GLY A 268 7.75 1.71 4.21
CA GLY A 268 8.59 1.97 5.38
C GLY A 268 7.86 2.49 6.61
N ILE A 269 6.53 2.29 6.66
CA ILE A 269 5.68 2.79 7.74
C ILE A 269 6.07 2.09 9.06
N GLY A 270 6.23 2.84 10.14
CA GLY A 270 6.70 2.27 11.42
C GLY A 270 5.64 1.59 12.26
N ARG A 271 4.42 2.11 12.23
CA ARG A 271 3.38 1.63 13.11
C ARG A 271 2.14 1.35 12.32
N ILE A 272 1.44 0.30 12.72
CA ILE A 272 0.09 -0.01 12.27
C ILE A 272 -0.71 -0.03 13.56
N ILE A 273 -1.74 0.81 13.63
CA ILE A 273 -2.58 0.90 14.82
C ILE A 273 -3.96 0.42 14.46
N ILE A 274 -4.39 -0.65 15.12
CA ILE A 274 -5.70 -1.26 14.83
C ILE A 274 -6.74 -0.84 15.86
N GLY A 275 -7.86 -0.33 15.35
CA GLY A 275 -9.01 -0.04 16.17
C GLY A 275 -9.89 -1.27 16.06
N PHE A 276 -9.91 -2.08 17.10
CA PHE A 276 -10.75 -3.26 17.10
C PHE A 276 -12.18 -2.82 17.40
N ARG A 277 -13.12 -3.28 16.58
CA ARG A 277 -14.53 -2.90 16.73
C ARG A 277 -15.42 -4.13 16.91
N ASP A 278 -16.59 -3.94 17.51
CA ASP A 278 -17.56 -5.03 17.60
C ASP A 278 -18.50 -5.00 16.38
N ASP A 279 -19.47 -5.90 16.34
CA ASP A 279 -20.39 -5.99 15.21
C ASP A 279 -21.32 -4.77 15.07
N ASN A 280 -21.46 -4.00 16.15
CA ASN A 280 -22.23 -2.75 16.11
C ASN A 280 -21.45 -1.58 15.49
N GLY A 281 -20.15 -1.78 15.25
CA GLY A 281 -19.26 -0.71 14.79
C GLY A 281 -18.75 0.16 15.91
N ILE A 282 -18.78 -0.35 17.13
CA ILE A 282 -18.29 0.38 18.30
C ILE A 282 -16.81 0.04 18.51
N LEU A 283 -15.99 1.07 18.67
CA LEU A 283 -14.56 0.89 18.91
C LEU A 283 -14.32 0.37 20.32
N ILE A 284 -13.79 -0.85 20.46
CA ILE A 284 -13.67 -1.44 21.79
C ILE A 284 -12.25 -1.50 22.34
N GLU A 285 -11.26 -1.52 21.45
CA GLU A 285 -9.87 -1.63 21.85
C GLU A 285 -8.96 -1.12 20.75
N MET A 286 -7.89 -0.42 21.13
CA MET A 286 -6.82 -0.14 20.18
C MET A 286 -5.55 -0.91 20.48
N LYS A 287 -4.90 -1.33 19.40
CA LYS A 287 -3.66 -2.07 19.46
C LYS A 287 -2.64 -1.40 18.55
N GLU A 288 -1.56 -0.90 19.15
CA GLU A 288 -0.44 -0.32 18.44
C GLU A 288 0.58 -1.42 18.16
N LEU A 289 0.91 -1.60 16.89
CA LEU A 289 1.92 -2.58 16.48
C LEU A 289 3.03 -1.83 15.77
N PHE A 290 4.27 -2.30 15.92
CA PHE A 290 5.34 -1.88 15.03
C PHE A 290 5.33 -2.83 13.83
N THR A 291 5.44 -2.27 12.63
CA THR A 291 5.41 -3.07 11.40
C THR A 291 6.34 -4.29 11.45
N HIS A 292 7.60 -4.07 11.82
CA HIS A 292 8.58 -5.17 11.93
C HIS A 292 8.22 -6.26 12.92
N GLN A 293 7.31 -5.97 13.86
CA GLN A 293 6.89 -6.96 14.86
C GLN A 293 5.90 -7.99 14.33
N ILE A 294 5.14 -7.64 13.28
CA ILE A 294 4.08 -8.55 12.81
C ILE A 294 4.60 -9.95 12.42
N PRO A 295 5.64 -10.05 11.57
CA PRO A 295 6.23 -11.36 11.28
C PRO A 295 6.73 -12.10 12.52
N LYS A 296 7.27 -11.37 13.48
CA LYS A 296 7.76 -11.94 14.73
C LYS A 296 6.62 -12.47 15.59
N MET A 297 5.56 -11.67 15.69
CA MET A 297 4.34 -12.03 16.41
C MET A 297 3.64 -13.27 15.83
N LEU A 298 3.72 -13.43 14.51
CA LEU A 298 3.04 -14.52 13.81
C LEU A 298 3.80 -15.85 13.83
N ARG A 299 5.10 -15.79 14.17
CA ARG A 299 5.98 -16.97 14.09
C ARG A 299 5.41 -18.22 14.78
N PRO A 300 4.90 -18.12 16.02
CA PRO A 300 4.36 -19.32 16.70
C PRO A 300 3.13 -19.94 16.03
N TYR A 301 2.45 -19.17 15.18
CA TYR A 301 1.13 -19.57 14.67
C TYR A 301 1.08 -20.09 13.23
N PHE A 302 2.18 -19.96 12.49
CA PHE A 302 2.24 -20.46 11.12
C PHE A 302 2.19 -21.97 11.13
N LYS A 303 1.23 -22.50 10.38
CA LYS A 303 1.11 -23.93 10.16
C LYS A 303 2.01 -24.27 8.98
N PRO A 304 2.41 -25.52 8.82
CA PRO A 304 3.23 -25.93 7.67
C PRO A 304 2.55 -25.58 6.34
N ASN A 305 3.35 -25.17 5.35
CA ASN A 305 2.84 -24.71 4.05
C ASN A 305 2.09 -23.37 4.07
N ASP A 306 2.08 -22.69 5.22
CA ASP A 306 1.57 -21.31 5.26
C ASP A 306 2.52 -20.40 4.49
N TRP A 307 1.96 -19.41 3.80
CA TRP A 307 2.79 -18.34 3.22
C TRP A 307 3.34 -17.50 4.36
N THR A 308 4.66 -17.31 4.38
CA THR A 308 5.31 -16.51 5.42
C THR A 308 5.86 -15.24 4.81
N PRO A 309 6.09 -14.21 5.63
CA PRO A 309 6.71 -12.97 5.17
C PRO A 309 7.93 -13.21 4.29
N ASN A 310 8.86 -14.07 4.74
CA ASN A 310 10.07 -14.36 3.98
C ASN A 310 9.81 -14.97 2.61
N ARG A 311 8.87 -15.92 2.56
CA ARG A 311 8.48 -16.56 1.31
C ARG A 311 7.79 -15.58 0.36
N LEU A 312 6.95 -14.70 0.91
CA LEU A 312 6.29 -13.68 0.10
C LEU A 312 7.31 -12.75 -0.57
N LEU A 313 8.37 -12.41 0.16
CA LEU A 313 9.42 -11.56 -0.36
C LEU A 313 10.25 -12.23 -1.46
N VAL A 314 10.56 -13.52 -1.28
CA VAL A 314 11.27 -14.30 -2.30
C VAL A 314 10.48 -14.35 -3.61
N VAL A 315 9.21 -14.71 -3.51
CA VAL A 315 8.32 -14.79 -4.66
C VAL A 315 8.15 -13.44 -5.37
N LEU A 316 7.99 -12.36 -4.58
CA LEU A 316 7.91 -11.01 -5.14
C LEU A 316 9.16 -10.62 -5.94
N GLU A 317 10.34 -10.78 -5.33
CA GLU A 317 11.59 -10.52 -6.03
C GLU A 317 11.64 -11.26 -7.37
N HIS A 318 11.22 -12.52 -7.37
CA HIS A 318 11.25 -13.33 -8.60
C HIS A 318 10.21 -12.86 -9.61
N ALA A 319 9.04 -12.48 -9.10
CA ALA A 319 7.98 -11.85 -9.91
C ALA A 319 8.45 -10.55 -10.58
N LEU A 320 9.14 -9.68 -9.83
CA LEU A 320 9.58 -8.39 -10.34
C LEU A 320 10.68 -8.57 -11.37
N GLU A 321 11.53 -9.56 -11.15
CA GLU A 321 12.61 -9.89 -12.07
C GLU A 321 12.04 -10.39 -13.38
N TRP A 322 11.04 -11.27 -13.28
CA TRP A 322 10.31 -11.80 -14.44
C TRP A 322 9.58 -10.73 -15.26
N ILE A 323 8.96 -9.77 -14.58
CA ILE A 323 8.31 -8.66 -15.25
C ILE A 323 9.34 -7.82 -16.03
N LYS A 324 10.45 -7.49 -15.37
CA LYS A 324 11.54 -6.75 -16.01
C LYS A 324 12.06 -7.42 -17.27
N GLN A 325 12.45 -8.69 -17.17
CA GLN A 325 12.98 -9.38 -18.34
C GLN A 325 11.99 -9.51 -19.47
N THR A 326 10.72 -9.73 -19.14
CA THR A 326 9.66 -9.86 -20.12
C THR A 326 9.46 -8.54 -20.87
N VAL A 327 9.15 -7.48 -20.13
CA VAL A 327 8.97 -6.14 -20.71
C VAL A 327 10.14 -5.73 -21.63
N LYS A 328 11.37 -6.03 -21.19
CA LYS A 328 12.57 -5.64 -21.94
C LYS A 328 12.81 -6.45 -23.23
N GLN A 329 11.96 -7.44 -23.49
CA GLN A 329 11.98 -8.19 -24.75
C GLN A 329 11.21 -7.45 -25.83
N HIS A 330 10.66 -6.30 -25.47
CA HIS A 330 9.90 -5.48 -26.40
C HIS A 330 10.45 -4.05 -26.40
N PRO A 331 10.26 -3.31 -27.50
CA PRO A 331 10.58 -1.88 -27.52
C PRO A 331 9.78 -1.11 -26.45
N PRO A 332 10.31 0.02 -25.99
CA PRO A 332 9.56 0.87 -25.06
C PRO A 332 8.23 1.29 -25.67
N SER A 333 7.31 1.74 -24.81
CA SER A 333 5.94 2.10 -25.20
C SER A 333 5.08 0.91 -25.63
N THR A 334 5.56 -0.30 -25.34
CA THR A 334 4.76 -1.49 -25.54
C THR A 334 3.90 -1.68 -24.30
N GLU A 335 2.59 -1.72 -24.51
CA GLU A 335 1.65 -1.84 -23.40
C GLU A 335 1.41 -3.32 -23.06
N PHE A 336 1.40 -3.60 -21.76
CA PHE A 336 1.11 -4.94 -21.24
C PHE A 336 0.02 -4.86 -20.18
N THR A 337 -0.66 -5.98 -19.99
CA THR A 337 -1.53 -6.22 -18.87
C THR A 337 -0.89 -7.29 -17.97
N LEU A 338 -0.80 -7.00 -16.67
CA LEU A 338 -0.41 -8.00 -15.67
C LEU A 338 -1.66 -8.36 -14.88
N SER A 339 -2.02 -9.64 -14.92
CA SER A 339 -3.29 -10.11 -14.36
C SER A 339 -3.08 -11.20 -13.33
N TYR A 340 -3.92 -11.18 -12.31
CA TYR A 340 -4.13 -12.32 -11.45
C TYR A 340 -5.61 -12.66 -11.47
N THR A 341 -5.96 -13.85 -11.94
CA THR A 341 -7.35 -14.27 -12.00
C THR A 341 -7.48 -15.63 -11.32
N GLY A 342 -6.98 -15.70 -10.10
CA GLY A 342 -7.04 -16.93 -9.31
C GLY A 342 -6.05 -17.96 -9.82
N GLY A 343 -6.05 -19.12 -9.18
CA GLY A 343 -5.01 -20.10 -9.43
C GLY A 343 -3.78 -19.61 -8.70
N SER A 344 -2.62 -20.03 -9.17
CA SER A 344 -1.39 -19.66 -8.49
C SER A 344 -0.36 -19.14 -9.49
N LYS A 345 -0.81 -18.28 -10.40
CA LYS A 345 0.05 -17.72 -11.43
C LYS A 345 -0.29 -16.26 -11.77
N LEU A 346 0.73 -15.52 -12.21
CA LEU A 346 0.52 -14.21 -12.81
C LEU A 346 0.61 -14.37 -14.34
N VAL A 347 -0.13 -13.52 -15.06
CA VAL A 347 -0.13 -13.57 -16.51
C VAL A 347 0.18 -12.19 -17.05
N LEU A 348 1.20 -12.13 -17.89
CA LEU A 348 1.63 -10.90 -18.54
C LEU A 348 1.25 -11.01 -20.02
N ARG A 349 0.39 -10.10 -20.46
CA ARG A 349 -0.17 -10.14 -21.80
C ARG A 349 0.20 -8.88 -22.57
N GLN A 350 0.78 -9.06 -23.75
CA GLN A 350 1.12 -7.94 -24.62
C GLN A 350 -0.15 -7.43 -25.28
N ILE A 351 -0.39 -6.13 -25.15
CA ILE A 351 -1.51 -5.48 -25.84
C ILE A 351 -1.05 -5.10 -27.24
N ILE A 352 -1.60 -5.79 -28.24
CA ILE A 352 -1.20 -5.62 -29.64
C ILE A 352 -2.22 -4.80 -30.44
MG MG B . -5.64 3.10 6.83
#